data_6Y3R
#
_entry.id   6Y3R
#
_cell.length_a   82.438
_cell.length_b   111.896
_cell.length_c   62.349
_cell.angle_alpha   90.000
_cell.angle_beta   90.000
_cell.angle_gamma   90.000
#
_symmetry.space_group_name_H-M   'C 2 2 21'
#
loop_
_entity.id
_entity.type
_entity.pdbx_description
1 polymer '14-3-3 protein sigma'
2 polymer 'Chain P'
3 non-polymer 'MAGNESIUM ION'
4 water water
#
loop_
_entity_poly.entity_id
_entity_poly.type
_entity_poly.pdbx_seq_one_letter_code
_entity_poly.pdbx_strand_id
1 'polypeptide(L)'
;GAMGSMERASLIQKAKLAEQAERYEDMAAFMKGAVEKGEELS(CSO)EERNLLSVAYKNVVGGQRAAWRVLSSIEQKSNE
EGSEEKGPEVREYREKVETELQGVCDTVLGLLDSHLIKEAGDAESRVFYLKMKGDYYRYLAEVATGDDKKRIIDSARSAY
QEAMDISKKEMPPTNPIRLGLALNFSVFHYEIANSPEEAISLAKTTFDEAMADLHTLSEDSYKDSTLIMQLLRDNLTLWT
ADNAGEEGGEAPQEPQS
;
A
2 'polypeptide(L)' PRRN(TPO)LPAMDNS P
#
loop_
_chem_comp.id
_chem_comp.type
_chem_comp.name
_chem_comp.formula
MG non-polymer 'MAGNESIUM ION' 'Mg 2'
#
# COMPACT_ATOMS: atom_id res chain seq x y z
N GLY A 1 -2.22 24.91 -3.15
CA GLY A 1 -2.49 23.94 -2.12
C GLY A 1 -3.12 24.58 -0.90
N ALA A 2 -4.21 23.99 -0.40
CA ALA A 2 -4.93 24.55 0.73
C ALA A 2 -4.09 24.60 1.99
N MET A 3 -2.99 23.85 2.05
CA MET A 3 -2.12 23.84 3.22
C MET A 3 -0.89 24.73 3.04
N GLY A 4 -0.85 25.51 1.95
CA GLY A 4 0.34 26.30 1.66
C GLY A 4 0.67 27.33 2.72
N SER A 5 -0.33 27.82 3.45
CA SER A 5 -0.06 28.85 4.44
C SER A 5 0.26 28.28 5.83
N MET A 6 0.18 26.97 6.03
CA MET A 6 0.45 26.40 7.34
C MET A 6 1.89 25.92 7.45
N GLU A 7 2.49 26.14 8.62
CA GLU A 7 3.86 25.70 8.87
C GLU A 7 3.98 24.20 8.71
N ARG A 8 5.14 23.76 8.19
CA ARG A 8 5.41 22.33 8.08
C ARG A 8 5.25 21.63 9.42
N ALA A 9 5.80 22.22 10.49
CA ALA A 9 5.73 21.57 11.79
C ALA A 9 4.30 21.48 12.28
N SER A 10 3.49 22.50 11.99
CA SER A 10 2.09 22.50 12.41
C SER A 10 1.30 21.44 11.64
N LEU A 11 1.60 21.27 10.35
CA LEU A 11 0.96 20.21 9.58
C LEU A 11 1.27 18.84 10.16
N ILE A 12 2.53 18.60 10.53
CA ILE A 12 2.87 17.30 11.12
C ILE A 12 2.19 17.14 12.47
N GLN A 13 2.17 18.20 13.28
CA GLN A 13 1.48 18.13 14.57
C GLN A 13 0.01 17.78 14.37
N LYS A 14 -0.64 18.41 13.39
CA LYS A 14 -2.06 18.17 13.18
C LYS A 14 -2.31 16.82 12.53
N ALA A 15 -1.37 16.31 11.73
CA ALA A 15 -1.49 14.94 11.25
C ALA A 15 -1.58 13.96 12.43
N LYS A 16 -0.75 14.17 13.46
CA LYS A 16 -0.75 13.28 14.60
C LYS A 16 -2.03 13.42 15.41
N LEU A 17 -2.56 14.64 15.52
CA LEU A 17 -3.86 14.83 16.16
C LEU A 17 -4.97 14.16 15.36
N ALA A 18 -4.93 14.29 14.04
CA ALA A 18 -5.96 13.68 13.20
C ALA A 18 -5.94 12.16 13.35
N GLU A 19 -4.75 11.56 13.41
CA GLU A 19 -4.66 10.11 13.64
C GLU A 19 -5.36 9.72 14.94
N GLN A 20 -5.10 10.46 16.02
CA GLN A 20 -5.72 10.13 17.31
C GLN A 20 -7.22 10.27 17.25
N ALA A 21 -7.72 11.22 16.46
CA ALA A 21 -9.14 11.45 16.29
C ALA A 21 -9.76 10.54 15.24
N GLU A 22 -8.97 9.68 14.61
CA GLU A 22 -9.41 8.81 13.51
C GLU A 22 -9.99 9.62 12.36
N ARG A 23 -9.40 10.80 12.11
CA ARG A 23 -9.79 11.69 11.02
C ARG A 23 -8.76 11.51 9.91
N TYR A 24 -8.86 10.38 9.21
CA TYR A 24 -7.78 10.03 8.30
C TYR A 24 -7.77 10.84 7.02
N GLU A 25 -8.93 11.30 6.54
CA GLU A 25 -8.92 12.22 5.42
C GLU A 25 -8.17 13.50 5.78
N ASP A 26 -8.45 14.07 6.96
CA ASP A 26 -7.68 15.22 7.44
C ASP A 26 -6.21 14.88 7.55
N MET A 27 -5.89 13.73 8.13
CA MET A 27 -4.51 13.32 8.29
C MET A 27 -3.78 13.32 6.95
N ALA A 28 -4.42 12.77 5.93
CA ALA A 28 -3.81 12.69 4.60
C ALA A 28 -3.63 14.07 3.99
N ALA A 29 -4.63 14.94 4.13
CA ALA A 29 -4.49 16.31 3.64
C ALA A 29 -3.34 17.04 4.34
N PHE A 30 -3.21 16.87 5.65
CA PHE A 30 -2.10 17.49 6.37
C PHE A 30 -0.76 16.97 5.87
N MET A 31 -0.65 15.65 5.68
CA MET A 31 0.63 15.08 5.25
C MET A 31 0.96 15.44 3.81
N LYS A 32 -0.06 15.53 2.94
CA LYS A 32 0.14 16.06 1.59
C LYS A 32 0.71 17.47 1.66
N GLY A 33 0.12 18.32 2.51
CA GLY A 33 0.66 19.66 2.72
C GLY A 33 2.10 19.66 3.17
N ALA A 34 2.46 18.74 4.10
CA ALA A 34 3.83 18.64 4.56
C ALA A 34 4.77 18.23 3.44
N VAL A 35 4.38 17.23 2.63
CA VAL A 35 5.20 16.82 1.51
C VAL A 35 5.42 17.98 0.55
N GLU A 36 4.36 18.77 0.30
CA GLU A 36 4.47 19.84 -0.68
C GLU A 36 5.32 21.01 -0.20
N LYS A 37 5.77 21.01 1.06
CA LYS A 37 6.77 21.97 1.50
C LYS A 37 8.12 21.75 0.82
N GLY A 38 8.33 20.56 0.25
CA GLY A 38 9.51 20.31 -0.55
C GLY A 38 10.68 19.68 0.17
N GLU A 39 10.67 19.64 1.50
CA GLU A 39 11.74 19.00 2.23
C GLU A 39 11.53 17.48 2.30
N GLU A 40 12.62 16.75 2.45
CA GLU A 40 12.51 15.31 2.63
C GLU A 40 11.76 15.01 3.93
N LEU A 41 11.18 13.81 4.00
CA LEU A 41 10.46 13.34 5.18
C LEU A 41 11.36 12.46 6.04
N SER A 42 11.24 12.63 7.36
CA SER A 42 11.88 11.71 8.29
C SER A 42 11.17 10.36 8.30
N CSO A 43 11.74 9.38 9.00
CA CSO A 43 11.15 8.05 9.11
CB CSO A 43 12.05 7.17 9.95
SG CSO A 43 11.38 5.50 10.16
C CSO A 43 9.73 8.12 9.68
O CSO A 43 8.78 7.55 9.13
OD CSO A 43 10.32 5.47 11.58
N GLU A 44 9.57 8.85 10.78
CA GLU A 44 8.26 8.95 11.41
C GLU A 44 7.28 9.68 10.48
N GLU A 45 7.74 10.71 9.77
CA GLU A 45 6.84 11.42 8.85
C GLU A 45 6.44 10.55 7.67
N ARG A 46 7.36 9.73 7.16
CA ARG A 46 7.00 8.81 6.10
C ARG A 46 5.90 7.87 6.56
N ASN A 47 6.00 7.38 7.80
CA ASN A 47 4.98 6.45 8.26
C ASN A 47 3.64 7.16 8.47
N LEU A 48 3.65 8.43 8.90
CA LEU A 48 2.41 9.19 8.97
C LEU A 48 1.75 9.29 7.60
N LEU A 49 2.54 9.59 6.58
CA LEU A 49 2.02 9.68 5.22
C LEU A 49 1.36 8.36 4.80
N SER A 50 2.06 7.26 5.05
CA SER A 50 1.57 5.93 4.65
C SER A 50 0.31 5.55 5.41
N VAL A 51 0.31 5.73 6.74
CA VAL A 51 -0.88 5.39 7.53
C VAL A 51 -2.07 6.21 7.07
N ALA A 52 -1.86 7.51 6.83
CA ALA A 52 -2.98 8.38 6.46
C ALA A 52 -3.63 7.91 5.16
N TYR A 53 -2.84 7.77 4.10
CA TYR A 53 -3.43 7.39 2.83
C TYR A 53 -3.89 5.95 2.82
N LYS A 54 -3.27 5.07 3.59
CA LYS A 54 -3.74 3.68 3.60
C LYS A 54 -5.14 3.59 4.20
N ASN A 55 -5.40 4.37 5.24
CA ASN A 55 -6.73 4.37 5.82
C ASN A 55 -7.74 4.99 4.88
N VAL A 56 -7.38 6.08 4.19
CA VAL A 56 -8.31 6.69 3.24
C VAL A 56 -8.65 5.71 2.12
N VAL A 57 -7.62 5.17 1.47
CA VAL A 57 -7.88 4.27 0.36
C VAL A 57 -8.50 2.97 0.84
N GLY A 58 -8.27 2.60 2.10
CA GLY A 58 -8.86 1.38 2.62
C GLY A 58 -10.37 1.45 2.71
N GLY A 59 -10.89 2.59 3.17
CA GLY A 59 -12.33 2.79 3.14
C GLY A 59 -12.89 2.73 1.73
N GLN A 60 -12.20 3.35 0.78
CA GLN A 60 -12.67 3.35 -0.60
C GLN A 60 -12.65 1.96 -1.20
N ARG A 61 -11.59 1.19 -0.93
CA ARG A 61 -11.47 -0.15 -1.49
C ARG A 61 -12.54 -1.07 -0.91
N ALA A 62 -12.78 -0.99 0.39
CA ALA A 62 -13.84 -1.78 1.00
C ALA A 62 -15.17 -1.45 0.37
N ALA A 63 -15.44 -0.15 0.15
CA ALA A 63 -16.71 0.25 -0.45
C ALA A 63 -16.83 -0.23 -1.88
N TRP A 64 -15.74 -0.08 -2.65
CA TRP A 64 -15.75 -0.54 -4.03
C TRP A 64 -16.03 -2.03 -4.14
N ARG A 65 -15.46 -2.82 -3.23
CA ARG A 65 -15.68 -4.27 -3.28
C ARG A 65 -17.13 -4.62 -2.99
N VAL A 66 -17.75 -3.94 -2.01
CA VAL A 66 -19.16 -4.17 -1.74
C VAL A 66 -20.00 -3.83 -2.96
N LEU A 67 -19.74 -2.66 -3.55
CA LEU A 67 -20.54 -2.21 -4.69
C LEU A 67 -20.29 -3.07 -5.92
N SER A 68 -19.04 -3.45 -6.16
CA SER A 68 -18.72 -4.37 -7.25
C SER A 68 -19.47 -5.68 -7.09
N SER A 69 -19.52 -6.22 -5.87
CA SER A 69 -20.22 -7.48 -5.64
C SER A 69 -21.71 -7.34 -5.94
N ILE A 70 -22.32 -6.25 -5.52
CA ILE A 70 -23.73 -6.02 -5.83
C ILE A 70 -23.93 -5.91 -7.33
N GLU A 71 -23.03 -5.17 -8.00
CA GLU A 71 -23.12 -5.01 -9.45
C GLU A 71 -23.04 -6.36 -10.14
N GLN A 72 -22.17 -7.25 -9.67
CA GLN A 72 -22.04 -8.54 -10.33
C GLN A 72 -23.27 -9.40 -10.14
N LYS A 73 -23.88 -9.39 -8.94
CA LYS A 73 -25.11 -10.15 -8.76
C LYS A 73 -26.19 -9.67 -9.73
N SER A 74 -26.26 -8.36 -9.96
CA SER A 74 -27.28 -7.83 -10.85
C SER A 74 -27.11 -8.26 -12.29
N ASN A 75 -25.91 -8.70 -12.67
CA ASN A 75 -25.64 -9.14 -14.03
C ASN A 75 -25.70 -10.66 -14.17
N GLU A 76 -26.19 -11.35 -13.15
CA GLU A 76 -26.51 -12.76 -13.23
C GLU A 76 -27.82 -12.96 -13.99
N GLU A 77 -28.00 -14.16 -14.52
CA GLU A 77 -29.28 -14.51 -15.14
C GLU A 77 -30.35 -14.66 -14.07
N GLY A 78 -31.54 -14.15 -14.37
CA GLY A 78 -32.62 -14.13 -13.40
C GLY A 78 -32.63 -12.92 -12.50
N SER A 79 -31.54 -12.14 -12.47
CA SER A 79 -31.50 -10.93 -11.66
C SER A 79 -32.41 -9.87 -12.26
N GLU A 80 -33.20 -9.22 -11.41
CA GLU A 80 -34.12 -8.20 -11.87
C GLU A 80 -33.35 -6.93 -12.26
N GLU A 81 -33.68 -6.37 -13.41
CA GLU A 81 -33.07 -5.11 -13.83
C GLU A 81 -33.47 -3.99 -12.89
N LYS A 82 -32.49 -3.22 -12.40
CA LYS A 82 -32.77 -2.15 -11.46
C LYS A 82 -32.23 -0.81 -11.93
N GLY A 83 -31.78 -0.70 -13.17
CA GLY A 83 -31.34 0.54 -13.73
C GLY A 83 -29.84 0.74 -13.59
N PRO A 84 -29.37 1.95 -13.89
CA PRO A 84 -27.93 2.23 -13.92
C PRO A 84 -27.32 2.61 -12.58
N GLU A 85 -28.11 2.65 -11.51
CA GLU A 85 -27.66 3.28 -10.27
C GLU A 85 -26.48 2.55 -9.64
N VAL A 86 -26.49 1.21 -9.64
CA VAL A 86 -25.40 0.47 -9.00
C VAL A 86 -24.10 0.73 -9.75
N ARG A 87 -24.11 0.60 -11.08
CA ARG A 87 -22.92 0.90 -11.87
C ARG A 87 -22.47 2.35 -11.67
N GLU A 88 -23.42 3.31 -11.67
CA GLU A 88 -23.05 4.70 -11.50
C GLU A 88 -22.34 4.94 -10.18
N TYR A 89 -22.88 4.37 -9.10
CA TYR A 89 -22.32 4.64 -7.78
C TYR A 89 -21.00 3.90 -7.59
N ARG A 90 -20.90 2.67 -8.10
CA ARG A 90 -19.61 2.00 -8.12
C ARG A 90 -18.58 2.83 -8.87
N GLU A 91 -18.97 3.39 -10.02
CA GLU A 91 -18.07 4.22 -10.80
C GLU A 91 -17.66 5.47 -10.02
N LYS A 92 -18.60 6.05 -9.28
CA LYS A 92 -18.29 7.23 -8.47
C LYS A 92 -17.24 6.90 -7.43
N VAL A 93 -17.44 5.81 -6.68
CA VAL A 93 -16.47 5.40 -5.68
C VAL A 93 -15.14 5.06 -6.33
N GLU A 94 -15.18 4.37 -7.47
CA GLU A 94 -13.97 4.00 -8.20
C GLU A 94 -13.18 5.22 -8.63
N THR A 95 -13.87 6.24 -9.16
CA THR A 95 -13.18 7.44 -9.60
C THR A 95 -12.51 8.15 -8.43
N GLU A 96 -13.18 8.20 -7.29
CA GLU A 96 -12.61 8.83 -6.11
C GLU A 96 -11.39 8.07 -5.63
N LEU A 97 -11.48 6.73 -5.63
CA LEU A 97 -10.34 5.88 -5.29
C LEU A 97 -9.16 6.15 -6.22
N GLN A 98 -9.43 6.19 -7.52
CA GLN A 98 -8.36 6.43 -8.48
C GLN A 98 -7.74 7.79 -8.27
N GLY A 99 -8.55 8.77 -7.86
CA GLY A 99 -8.01 10.09 -7.59
C GLY A 99 -7.06 10.09 -6.41
N VAL A 100 -7.39 9.33 -5.36
CA VAL A 100 -6.48 9.22 -4.21
C VAL A 100 -5.18 8.53 -4.61
N CYS A 101 -5.28 7.43 -5.38
CA CYS A 101 -4.07 6.77 -5.85
C CYS A 101 -3.24 7.72 -6.69
N ASP A 102 -3.88 8.47 -7.60
CA ASP A 102 -3.14 9.41 -8.43
C ASP A 102 -2.47 10.49 -7.59
N THR A 103 -3.13 10.91 -6.51
CA THR A 103 -2.54 11.91 -5.63
C THR A 103 -1.28 11.39 -4.95
N VAL A 104 -1.33 10.17 -4.41
CA VAL A 104 -0.16 9.58 -3.77
C VAL A 104 0.97 9.40 -4.79
N LEU A 105 0.64 8.84 -5.96
CA LEU A 105 1.66 8.63 -6.97
C LEU A 105 2.26 9.95 -7.42
N GLY A 106 1.45 11.00 -7.46
CA GLY A 106 1.97 12.31 -7.80
C GLY A 106 2.93 12.84 -6.77
N LEU A 107 2.66 12.59 -5.48
CA LEU A 107 3.59 13.02 -4.44
C LEU A 107 4.91 12.26 -4.56
N LEU A 108 4.83 10.96 -4.84
CA LEU A 108 6.05 10.18 -4.99
C LEU A 108 6.86 10.66 -6.18
N ASP A 109 6.17 11.02 -7.27
CA ASP A 109 6.85 11.46 -8.47
C ASP A 109 7.30 12.91 -8.40
N SER A 110 6.70 13.72 -7.51
CA SER A 110 7.03 15.15 -7.41
C SER A 110 7.09 15.55 -5.92
N HIS A 111 8.22 15.26 -5.25
CA HIS A 111 9.45 14.73 -5.81
C HIS A 111 10.12 13.79 -4.80
N LEU A 112 9.29 13.03 -4.08
CA LEU A 112 9.81 12.22 -2.97
C LEU A 112 10.83 11.19 -3.43
N ILE A 113 10.53 10.45 -4.50
CA ILE A 113 11.43 9.36 -4.89
C ILE A 113 12.77 9.89 -5.37
N LYS A 114 12.76 10.94 -6.20
CA LYS A 114 14.02 11.39 -6.77
C LYS A 114 14.97 11.96 -5.73
N GLU A 115 14.46 12.40 -4.57
CA GLU A 115 15.35 12.89 -3.52
C GLU A 115 15.71 11.82 -2.48
N ALA A 116 15.13 10.62 -2.58
CA ALA A 116 15.33 9.58 -1.57
C ALA A 116 16.58 8.78 -1.92
N GLY A 117 17.65 9.00 -1.15
CA GLY A 117 18.91 8.32 -1.41
C GLY A 117 19.23 7.18 -0.46
N ASP A 118 18.78 7.28 0.78
CA ASP A 118 19.02 6.20 1.72
C ASP A 118 18.12 5.01 1.41
N ALA A 119 18.61 3.81 1.72
CA ALA A 119 17.84 2.59 1.42
C ALA A 119 16.46 2.62 2.08
N GLU A 120 16.39 3.07 3.34
CA GLU A 120 15.13 3.01 4.08
C GLU A 120 14.08 3.91 3.46
N SER A 121 14.48 5.10 2.98
CA SER A 121 13.50 5.97 2.35
C SER A 121 13.18 5.50 0.93
N ARG A 122 14.19 5.14 0.15
CA ARG A 122 13.92 4.76 -1.24
C ARG A 122 13.05 3.51 -1.32
N VAL A 123 13.35 2.50 -0.50
CA VAL A 123 12.54 1.28 -0.51
C VAL A 123 11.12 1.57 -0.03
N PHE A 124 11.00 2.39 1.02
CA PHE A 124 9.67 2.79 1.50
C PHE A 124 8.84 3.42 0.39
N TYR A 125 9.40 4.39 -0.33
CA TYR A 125 8.63 5.10 -1.35
C TYR A 125 8.33 4.21 -2.54
N LEU A 126 9.29 3.35 -2.93
CA LEU A 126 9.03 2.45 -4.05
C LEU A 126 7.97 1.41 -3.70
N LYS A 127 7.98 0.91 -2.45
CA LYS A 127 6.89 0.07 -1.99
C LYS A 127 5.56 0.79 -2.10
N MET A 128 5.53 2.06 -1.67
CA MET A 128 4.29 2.84 -1.78
C MET A 128 3.86 2.96 -3.24
N LYS A 129 4.80 3.20 -4.14
CA LYS A 129 4.48 3.30 -5.56
C LYS A 129 3.89 1.99 -6.06
N GLY A 130 4.49 0.86 -5.70
CA GLY A 130 3.91 -0.43 -6.08
C GLY A 130 2.52 -0.62 -5.50
N ASP A 131 2.33 -0.25 -4.23
CA ASP A 131 1.04 -0.41 -3.57
C ASP A 131 -0.05 0.37 -4.28
N TYR A 132 0.21 1.64 -4.61
CA TYR A 132 -0.89 2.45 -5.14
C TYR A 132 -1.14 2.17 -6.62
N TYR A 133 -0.12 1.73 -7.37
CA TYR A 133 -0.42 1.15 -8.68
C TYR A 133 -1.19 -0.15 -8.52
N ARG A 134 -0.91 -0.93 -7.48
CA ARG A 134 -1.67 -2.16 -7.26
C ARG A 134 -3.15 -1.87 -6.99
N TYR A 135 -3.46 -0.83 -6.18
CA TYR A 135 -4.86 -0.51 -5.96
C TYR A 135 -5.53 0.01 -7.23
N LEU A 136 -4.79 0.73 -8.09
CA LEU A 136 -5.33 1.06 -9.41
C LEU A 136 -5.60 -0.20 -10.22
N ALA A 137 -4.71 -1.19 -10.12
CA ALA A 137 -4.89 -2.43 -10.86
C ALA A 137 -6.10 -3.22 -10.39
N GLU A 138 -6.45 -3.12 -9.09
CA GLU A 138 -7.60 -3.85 -8.56
C GLU A 138 -8.90 -3.45 -9.24
N VAL A 139 -8.99 -2.21 -9.73
CA VAL A 139 -10.21 -1.70 -10.35
C VAL A 139 -10.06 -1.51 -11.85
N ALA A 140 -8.89 -1.78 -12.41
CA ALA A 140 -8.64 -1.55 -13.82
C ALA A 140 -9.28 -2.65 -14.66
N THR A 141 -9.91 -2.24 -15.76
CA THR A 141 -10.57 -3.18 -16.67
C THR A 141 -10.29 -2.90 -18.14
N GLY A 142 -9.55 -1.84 -18.47
CA GLY A 142 -9.44 -1.35 -19.82
C GLY A 142 -8.10 -1.66 -20.48
N ASP A 143 -7.76 -0.82 -21.47
CA ASP A 143 -6.58 -1.06 -22.30
C ASP A 143 -5.26 -0.86 -21.56
N ASP A 144 -5.25 -0.09 -20.49
CA ASP A 144 -4.00 0.18 -19.78
C ASP A 144 -3.83 -0.68 -18.54
N LYS A 145 -4.68 -1.70 -18.35
CA LYS A 145 -4.56 -2.55 -17.17
C LYS A 145 -3.20 -3.24 -17.14
N LYS A 146 -2.76 -3.77 -18.28
CA LYS A 146 -1.45 -4.41 -18.30
C LYS A 146 -0.35 -3.43 -17.94
N ARG A 147 -0.46 -2.18 -18.40
CA ARG A 147 0.57 -1.19 -18.09
C ARG A 147 0.53 -0.80 -16.61
N ILE A 148 -0.67 -0.71 -16.04
CA ILE A 148 -0.80 -0.42 -14.61
C ILE A 148 -0.14 -1.53 -13.80
N ILE A 149 -0.44 -2.79 -14.15
CA ILE A 149 0.14 -3.93 -13.47
C ILE A 149 1.65 -3.91 -13.59
N ASP A 150 2.16 -3.59 -14.79
CA ASP A 150 3.61 -3.59 -14.93
C ASP A 150 4.27 -2.43 -14.18
N SER A 151 3.57 -1.30 -14.03
CA SER A 151 4.08 -0.23 -13.20
C SER A 151 4.21 -0.66 -11.74
N ALA A 152 3.20 -1.36 -11.22
CA ALA A 152 3.29 -1.89 -9.86
C ALA A 152 4.47 -2.85 -9.75
N ARG A 153 4.57 -3.80 -10.69
N ARG A 153 4.56 -3.79 -10.70
CA ARG A 153 5.63 -4.79 -10.65
CA ARG A 153 5.63 -4.79 -10.67
C ARG A 153 7.00 -4.14 -10.69
C ARG A 153 6.99 -4.13 -10.71
N SER A 154 7.17 -3.16 -11.59
CA SER A 154 8.47 -2.51 -11.74
C SER A 154 8.87 -1.79 -10.45
N ALA A 155 7.92 -1.09 -9.82
CA ALA A 155 8.22 -0.40 -8.56
C ALA A 155 8.60 -1.40 -7.48
N TYR A 156 7.80 -2.45 -7.31
CA TYR A 156 8.11 -3.48 -6.31
C TYR A 156 9.47 -4.11 -6.57
N GLN A 157 9.77 -4.39 -7.85
CA GLN A 157 11.01 -5.07 -8.19
C GLN A 157 12.22 -4.22 -7.85
N GLU A 158 12.17 -2.91 -8.15
CA GLU A 158 13.30 -2.07 -7.78
C GLU A 158 13.44 -1.97 -6.27
N ALA A 159 12.33 -1.89 -5.55
CA ALA A 159 12.36 -1.89 -4.09
C ALA A 159 12.95 -3.19 -3.55
N MET A 160 12.57 -4.32 -4.15
CA MET A 160 13.13 -5.60 -3.72
C MET A 160 14.63 -5.64 -3.94
N ASP A 161 15.09 -5.19 -5.12
CA ASP A 161 16.51 -5.24 -5.44
C ASP A 161 17.32 -4.41 -4.44
N ILE A 162 16.84 -3.20 -4.13
CA ILE A 162 17.54 -2.36 -3.16
C ILE A 162 17.52 -2.99 -1.77
N SER A 163 16.36 -3.52 -1.35
CA SER A 163 16.23 -4.04 0.00
C SER A 163 17.11 -5.27 0.21
N LYS A 164 17.19 -6.14 -0.80
CA LYS A 164 18.06 -7.30 -0.71
C LYS A 164 19.51 -6.90 -0.55
N LYS A 165 19.95 -5.86 -1.26
CA LYS A 165 21.34 -5.44 -1.23
C LYS A 165 21.68 -4.65 0.01
N GLU A 166 20.73 -3.84 0.51
CA GLU A 166 21.07 -2.81 1.50
C GLU A 166 20.46 -3.01 2.88
N MET A 167 19.59 -4.00 3.06
CA MET A 167 18.89 -4.18 4.33
C MET A 167 19.01 -5.61 4.81
N PRO A 168 19.02 -5.83 6.13
CA PRO A 168 18.99 -7.20 6.65
C PRO A 168 17.65 -7.85 6.38
N PRO A 169 17.60 -9.18 6.35
CA PRO A 169 16.35 -9.87 5.99
C PRO A 169 15.24 -9.68 7.00
N THR A 170 15.55 -9.19 8.20
CA THR A 170 14.54 -8.93 9.21
C THR A 170 14.04 -7.50 9.21
N ASN A 171 14.55 -6.65 8.32
CA ASN A 171 14.15 -5.26 8.33
C ASN A 171 12.64 -5.14 8.10
N PRO A 172 11.90 -4.44 8.97
CA PRO A 172 10.44 -4.39 8.82
C PRO A 172 9.96 -3.83 7.49
N ILE A 173 10.68 -2.87 6.90
CA ILE A 173 10.28 -2.36 5.60
C ILE A 173 10.50 -3.43 4.54
N ARG A 174 11.65 -4.10 4.57
CA ARG A 174 11.89 -5.20 3.65
C ARG A 174 10.82 -6.28 3.79
N LEU A 175 10.43 -6.61 5.03
CA LEU A 175 9.45 -7.66 5.24
C LEU A 175 8.05 -7.25 4.74
N GLY A 176 7.63 -6.02 5.03
CA GLY A 176 6.33 -5.56 4.55
C GLY A 176 6.30 -5.42 3.03
N LEU A 177 7.40 -4.98 2.44
CA LEU A 177 7.49 -4.96 0.98
C LEU A 177 7.30 -6.34 0.40
N ALA A 178 8.01 -7.33 0.95
CA ALA A 178 7.89 -8.70 0.44
C ALA A 178 6.48 -9.25 0.65
N LEU A 179 5.89 -8.98 1.81
CA LEU A 179 4.50 -9.38 2.06
C LEU A 179 3.57 -8.86 0.95
N ASN A 180 3.68 -7.56 0.63
CA ASN A 180 2.78 -6.93 -0.33
C ASN A 180 3.08 -7.38 -1.76
N PHE A 181 4.36 -7.50 -2.11
CA PHE A 181 4.72 -7.97 -3.44
C PHE A 181 4.24 -9.41 -3.63
N SER A 182 4.33 -10.22 -2.58
CA SER A 182 3.77 -11.58 -2.63
C SER A 182 2.28 -11.56 -2.92
N VAL A 183 1.53 -10.67 -2.25
CA VAL A 183 0.10 -10.58 -2.53
C VAL A 183 -0.14 -10.07 -3.95
N PHE A 184 0.68 -9.12 -4.43
CA PHE A 184 0.63 -8.71 -5.83
C PHE A 184 0.71 -9.92 -6.76
N HIS A 185 1.70 -10.80 -6.55
CA HIS A 185 1.81 -11.99 -7.39
C HIS A 185 0.55 -12.83 -7.30
N TYR A 186 0.00 -13.00 -6.09
CA TYR A 186 -1.08 -13.96 -5.88
C TYR A 186 -2.35 -13.51 -6.57
N GLU A 187 -2.73 -12.24 -6.38
CA GLU A 187 -4.06 -11.83 -6.81
C GLU A 187 -4.10 -10.78 -7.91
N ILE A 188 -2.98 -10.18 -8.31
CA ILE A 188 -2.92 -9.25 -9.43
C ILE A 188 -2.26 -9.89 -10.65
N ALA A 189 -1.11 -10.54 -10.46
CA ALA A 189 -0.32 -11.08 -11.54
C ALA A 189 -0.67 -12.52 -11.89
N ASN A 190 -1.64 -13.13 -11.21
CA ASN A 190 -2.05 -14.51 -11.53
C ASN A 190 -0.87 -15.46 -11.38
N SER A 191 -0.08 -15.25 -10.33
CA SER A 191 1.18 -15.98 -10.12
C SER A 191 1.23 -16.53 -8.71
N PRO A 192 0.29 -17.40 -8.32
CA PRO A 192 0.26 -17.86 -6.93
C PRO A 192 1.51 -18.62 -6.52
N GLU A 193 2.14 -19.36 -7.43
CA GLU A 193 3.38 -20.05 -7.07
C GLU A 193 4.49 -19.07 -6.72
N GLU A 194 4.62 -17.98 -7.48
CA GLU A 194 5.59 -16.94 -7.15
C GLU A 194 5.27 -16.30 -5.81
N ALA A 195 3.98 -16.04 -5.56
CA ALA A 195 3.54 -15.48 -4.28
C ALA A 195 3.95 -16.37 -3.12
N ILE A 196 3.70 -17.67 -3.24
CA ILE A 196 4.05 -18.60 -2.17
C ILE A 196 5.56 -18.71 -2.01
N SER A 197 6.29 -18.81 -3.13
CA SER A 197 7.74 -18.90 -3.04
CA SER A 197 7.74 -18.90 -3.05
C SER A 197 8.33 -17.67 -2.36
N LEU A 198 7.86 -16.49 -2.74
CA LEU A 198 8.39 -15.27 -2.12
C LEU A 198 8.08 -15.21 -0.63
N ALA A 199 6.85 -15.55 -0.24
CA ALA A 199 6.51 -15.47 1.18
C ALA A 199 7.35 -16.47 1.98
N LYS A 200 7.59 -17.66 1.43
CA LYS A 200 8.29 -18.67 2.21
C LYS A 200 9.78 -18.34 2.31
N THR A 201 10.40 -17.92 1.21
CA THR A 201 11.81 -17.51 1.25
C THR A 201 12.01 -16.32 2.18
N THR A 202 11.09 -15.35 2.13
CA THR A 202 11.19 -14.18 2.99
C THR A 202 11.09 -14.58 4.45
N PHE A 203 10.14 -15.45 4.77
CA PHE A 203 9.99 -15.93 6.14
C PHE A 203 11.25 -16.66 6.60
N ASP A 204 11.75 -17.59 5.78
CA ASP A 204 12.88 -18.41 6.19
C ASP A 204 14.14 -17.57 6.39
N GLU A 205 14.39 -16.63 5.49
CA GLU A 205 15.58 -15.80 5.65
C GLU A 205 15.45 -14.86 6.85
N ALA A 206 14.24 -14.39 7.17
CA ALA A 206 14.10 -13.58 8.37
C ALA A 206 14.33 -14.43 9.62
N MET A 207 13.79 -15.66 9.63
CA MET A 207 13.96 -16.53 10.78
C MET A 207 15.43 -16.72 11.13
N ALA A 208 16.26 -16.93 10.11
CA ALA A 208 17.68 -17.20 10.33
C ALA A 208 18.45 -15.98 10.80
N ASP A 209 17.86 -14.78 10.73
CA ASP A 209 18.51 -13.55 11.14
C ASP A 209 17.99 -13.00 12.48
N LEU A 210 16.95 -13.62 13.06
CA LEU A 210 16.38 -13.13 14.30
C LEU A 210 17.39 -13.09 15.43
N HIS A 211 18.39 -13.98 15.40
CA HIS A 211 19.34 -14.09 16.50
C HIS A 211 20.21 -12.86 16.65
N THR A 212 20.25 -12.00 15.63
CA THR A 212 21.04 -10.78 15.66
C THR A 212 20.33 -9.61 16.33
N LEU A 213 19.06 -9.77 16.70
CA LEU A 213 18.19 -8.65 17.03
C LEU A 213 18.02 -8.46 18.53
N SER A 214 17.79 -7.21 18.90
CA SER A 214 17.31 -6.88 20.24
C SER A 214 15.88 -7.41 20.44
N GLU A 215 15.45 -7.40 21.70
CA GLU A 215 14.10 -7.80 22.03
C GLU A 215 13.06 -6.98 21.26
N ASP A 216 13.26 -5.66 21.17
CA ASP A 216 12.25 -4.82 20.52
C ASP A 216 12.25 -5.03 19.01
N SER A 217 13.43 -5.19 18.41
CA SER A 217 13.52 -5.47 16.98
C SER A 217 12.94 -6.84 16.66
N TYR A 218 13.17 -7.82 17.56
CA TYR A 218 12.62 -9.14 17.41
C TYR A 218 11.09 -9.11 17.38
N LYS A 219 10.48 -8.35 18.28
CA LYS A 219 9.03 -8.21 18.27
C LYS A 219 8.53 -7.59 16.97
N ASP A 220 9.21 -6.55 16.47
CA ASP A 220 8.80 -5.88 15.23
C ASP A 220 8.85 -6.85 14.05
N SER A 221 9.95 -7.59 13.92
CA SER A 221 10.12 -8.48 12.77
C SER A 221 9.21 -9.69 12.84
N THR A 222 9.08 -10.30 14.04
CA THR A 222 8.25 -11.50 14.14
C THR A 222 6.77 -11.19 13.93
N LEU A 223 6.33 -9.97 14.26
CA LEU A 223 4.94 -9.61 13.96
C LEU A 223 4.67 -9.75 12.46
N ILE A 224 5.57 -9.22 11.62
CA ILE A 224 5.35 -9.26 10.18
C ILE A 224 5.56 -10.66 9.65
N MET A 225 6.51 -11.40 10.22
CA MET A 225 6.70 -12.79 9.84
C MET A 225 5.41 -13.58 10.02
N GLN A 226 4.66 -13.27 11.09
CA GLN A 226 3.40 -13.98 11.31
C GLN A 226 2.38 -13.67 10.23
N LEU A 227 2.39 -12.45 9.69
CA LEU A 227 1.50 -12.13 8.57
C LEU A 227 1.87 -12.92 7.33
N LEU A 228 3.18 -13.07 7.06
CA LEU A 228 3.63 -13.92 5.97
C LEU A 228 3.16 -15.35 6.17
N ARG A 229 3.31 -15.88 7.40
CA ARG A 229 2.88 -17.24 7.67
C ARG A 229 1.38 -17.39 7.53
N ASP A 230 0.62 -16.39 7.98
CA ASP A 230 -0.84 -16.44 7.84
C ASP A 230 -1.23 -16.51 6.37
N ASN A 231 -0.59 -15.70 5.52
CA ASN A 231 -0.88 -15.76 4.08
C ASN A 231 -0.54 -17.14 3.52
N LEU A 232 0.61 -17.68 3.89
CA LEU A 232 0.99 -19.01 3.42
C LEU A 232 -0.04 -20.05 3.86
N THR A 233 -0.53 -19.95 5.09
CA THR A 233 -1.54 -20.89 5.57
C THR A 233 -2.84 -20.77 4.77
N LEU A 234 -3.20 -19.54 4.39
CA LEU A 234 -4.40 -19.33 3.60
C LEU A 234 -4.25 -19.93 2.21
N TRP A 235 -3.05 -19.87 1.64
CA TRP A 235 -2.81 -20.23 0.24
C TRP A 235 -2.39 -21.67 0.03
N THR A 236 -2.14 -22.43 1.09
CA THR A 236 -1.65 -23.80 0.94
C THR A 236 -2.45 -24.76 1.82
N PRO B 1 -11.92 -14.33 5.76
CA PRO B 1 -10.73 -13.76 6.40
C PRO B 1 -9.63 -13.41 5.39
N ARG B 2 -9.42 -12.11 5.16
CA ARG B 2 -8.61 -11.63 4.05
C ARG B 2 -7.12 -11.81 4.30
N ARG B 3 -6.39 -12.12 3.24
CA ARG B 3 -4.93 -12.12 3.24
C ARG B 3 -4.39 -10.77 3.73
N ASN B 4 -3.15 -10.75 4.19
CA ASN B 4 -2.60 -9.56 4.82
C ASN B 4 -1.69 -8.76 3.92
N TPO B 5 -1.89 -7.46 3.90
CA TPO B 5 -0.88 -6.52 3.39
CB TPO B 5 -1.31 -5.91 2.05
CG2 TPO B 5 -1.26 -6.97 0.94
OG1 TPO B 5 -2.64 -5.45 2.26
P TPO B 5 -3.14 -4.31 1.23
O1P TPO B 5 -3.76 -4.98 -0.07
O2P TPO B 5 -1.96 -3.33 0.82
O3P TPO B 5 -4.24 -3.58 1.93
C TPO B 5 -0.64 -5.44 4.44
O TPO B 5 -1.41 -5.32 5.41
N LEU B 6 0.43 -4.67 4.26
CA LEU B 6 0.81 -3.67 5.24
C LEU B 6 0.99 -2.30 4.57
N PRO B 7 0.66 -1.22 5.29
CA PRO B 7 0.05 -1.19 6.64
C PRO B 7 -1.39 -1.67 6.58
N ALA B 8 -1.96 -1.97 7.73
CA ALA B 8 -3.37 -2.31 7.83
C ALA B 8 -4.17 -1.11 8.30
N MET B 9 -5.45 -1.08 7.92
CA MET B 9 -6.39 -0.09 8.44
C MET B 9 -6.53 -0.13 9.96
N ASP B 10 -6.82 1.06 10.48
CA ASP B 10 -7.09 1.26 11.90
C ASP B 10 -8.08 0.23 12.47
MG MG C . 2.76 -25.91 -7.43
MG MG D . -3.17 26.99 4.17
#